data_2E41
#
_entry.id   2E41
#
_cell.length_a   38.248
_cell.length_b   82.825
_cell.length_c   72.711
_cell.angle_alpha   90.00
_cell.angle_beta   101.61
_cell.angle_gamma   90.00
#
_symmetry.space_group_name_H-M   'P 1 21 1'
#
loop_
_entity.id
_entity.type
_entity.pdbx_description
1 polymer 'biotin--[acetyl-CoA-carboxylase] ligase'
2 non-polymer '((2R,3S,4R,5R)-5-(6-AMINO-9H-PURIN-9-YL)-3,4-DIHYDROXY-TETRAHYDROFURAN-2-YL)METHYL 5-((3AS,4S,6AR)-2-OXO-HEXAHYDRO-1H-THIENO[3,4-D]IMIDAZOL-4-YL)PENTYL HYDROGEN PHOSPHATE'
3 water water
#
_entity_poly.entity_id   1
_entity_poly.type   'polypeptide(L)'
_entity_poly.pdbx_seq_one_letter_code
;MLGLKTSIIGRRVIYFQEITSTNEFAKTSYLEEGTVIVADKQTMGHGALNRKWESPEGGLWLSIVLSPKVPQKDLPKIVF
LGAVGVVETLKEFSIDGRIKWPNDVLVNYKAIAGVLVEGKGDKIVLGIGLNVNNKVPNGATSMKLELGSEVPLLSVFRSL
ITNLDRLYLNFLKNPMDILNLVRDNMILGVRVKILGDGSFEGIAEDIDDFGRLIIRLDSGEVKKVIYGDVSLRFL
;
_entity_poly.pdbx_strand_id   A,B
#
loop_
_chem_comp.id
_chem_comp.type
_chem_comp.name
_chem_comp.formula
BTX non-polymer '((2R,3S,4R,5R)-5-(6-AMINO-9H-PURIN-9-YL)-3,4-DIHYDROXY-TETRAHYDROFURAN-2-YL)METHYL 5-((3AS,4S,6AR)-2-OXO-HEXAHYDRO-1H-THIENO[3,4-D]IMIDAZOL-4-YL)PENTYL HYDROGEN PHOSPHATE' 'C20 H30 N7 O8 P S'
#
# COMPACT_ATOMS: atom_id res chain seq x y z
N MET A 1 -5.86 2.15 -4.65
CA MET A 1 -5.85 1.36 -5.91
C MET A 1 -5.95 -0.14 -5.63
N LEU A 2 -5.76 -0.52 -4.37
CA LEU A 2 -5.82 -1.94 -3.98
C LEU A 2 -7.23 -2.49 -3.91
N GLY A 3 -8.21 -1.60 -3.73
CA GLY A 3 -9.59 -2.03 -3.66
C GLY A 3 -9.91 -3.03 -2.56
N LEU A 4 -9.29 -2.87 -1.39
CA LEU A 4 -9.57 -3.79 -0.28
C LEU A 4 -10.99 -3.53 0.20
N LYS A 5 -11.71 -4.60 0.55
CA LYS A 5 -13.09 -4.47 1.01
C LYS A 5 -13.33 -4.86 2.47
N THR A 6 -12.25 -4.93 3.23
CA THR A 6 -12.31 -5.27 4.65
C THR A 6 -12.91 -4.12 5.45
N SER A 7 -13.45 -4.43 6.63
CA SER A 7 -14.08 -3.41 7.48
C SER A 7 -13.09 -2.63 8.34
N ILE A 8 -12.19 -3.33 9.00
CA ILE A 8 -11.22 -2.69 9.88
C ILE A 8 -9.77 -2.92 9.43
N ILE A 9 -9.32 -4.17 9.44
CA ILE A 9 -7.95 -4.47 9.05
C ILE A 9 -7.75 -4.23 7.56
N GLY A 10 -6.92 -3.24 7.25
CA GLY A 10 -6.66 -2.93 5.85
C GLY A 10 -7.36 -1.64 5.40
N ARG A 11 -7.97 -0.91 6.36
CA ARG A 11 -8.57 0.38 6.01
C ARG A 11 -7.52 1.30 5.40
N ARG A 12 -6.31 1.17 5.96
CA ARG A 12 -5.14 1.82 5.42
C ARG A 12 -3.98 0.83 5.38
N VAL A 13 -3.06 1.03 4.45
CA VAL A 13 -1.91 0.15 4.31
C VAL A 13 -0.69 1.02 3.98
N ILE A 14 0.39 0.87 4.76
CA ILE A 14 1.61 1.62 4.49
C ILE A 14 2.66 0.60 4.02
N TYR A 15 3.05 0.73 2.76
CA TYR A 15 4.03 -0.16 2.15
C TYR A 15 5.43 0.47 2.10
N PHE A 16 6.45 -0.33 2.39
CA PHE A 16 7.87 0.05 2.44
C PHE A 16 8.69 -0.81 1.49
N GLN A 17 9.53 -0.22 0.61
CA GLN A 17 10.46 -1.07 -0.11
C GLN A 17 11.38 -1.79 0.88
N GLU A 18 11.74 -1.02 1.91
CA GLU A 18 12.56 -1.56 2.99
C GLU A 18 12.26 -0.83 4.30
N ILE A 19 12.40 -1.54 5.41
CA ILE A 19 12.13 -0.97 6.73
C ILE A 19 12.97 -1.69 7.76
N THR A 20 13.16 -1.09 8.93
CA THR A 20 13.92 -1.76 9.98
C THR A 20 13.09 -2.94 10.48
N SER A 21 11.86 -2.65 10.91
CA SER A 21 10.92 -3.65 11.41
C SER A 21 9.52 -3.08 11.40
N THR A 22 8.58 -3.80 10.79
CA THR A 22 7.20 -3.32 10.73
C THR A 22 6.59 -3.25 12.13
N ASN A 23 6.98 -4.17 13.01
CA ASN A 23 6.46 -4.14 14.38
C ASN A 23 6.94 -2.89 15.10
N GLU A 24 8.22 -2.56 14.93
CA GLU A 24 8.77 -1.37 15.60
C GLU A 24 8.13 -0.10 15.06
N PHE A 25 7.90 -0.03 13.75
CA PHE A 25 7.29 1.14 13.15
C PHE A 25 5.84 1.29 13.61
N ALA A 26 5.12 0.18 13.69
CA ALA A 26 3.72 0.22 14.11
C ALA A 26 3.59 0.63 15.58
N LYS A 27 4.49 0.12 16.43
CA LYS A 27 4.45 0.44 17.85
C LYS A 27 4.77 1.91 18.09
N THR A 28 5.79 2.40 17.40
CA THR A 28 6.27 3.77 17.53
C THR A 28 5.40 4.87 16.92
N SER A 29 4.93 4.64 15.70
CA SER A 29 4.15 5.65 15.01
C SER A 29 2.70 5.84 15.47
N TYR A 30 2.16 7.01 15.21
CA TYR A 30 0.78 7.32 15.54
C TYR A 30 -0.02 6.82 14.35
N LEU A 31 -0.73 5.71 14.56
CA LEU A 31 -1.50 5.08 13.49
C LEU A 31 -2.93 4.74 13.93
N GLU A 32 -3.84 4.68 12.97
CA GLU A 32 -5.24 4.35 13.23
C GLU A 32 -5.41 2.84 13.33
N GLU A 33 -6.42 2.40 14.08
CA GLU A 33 -6.67 0.98 14.19
C GLU A 33 -6.95 0.40 12.81
N GLY A 34 -6.42 -0.79 12.55
CA GLY A 34 -6.63 -1.44 11.28
C GLY A 34 -5.55 -1.15 10.25
N THR A 35 -4.65 -0.23 10.56
CA THR A 35 -3.58 0.09 9.63
C THR A 35 -2.59 -1.07 9.54
N VAL A 36 -2.25 -1.44 8.32
CA VAL A 36 -1.32 -2.52 8.05
C VAL A 36 0.00 -1.91 7.57
N ILE A 37 1.10 -2.35 8.18
CA ILE A 37 2.44 -1.90 7.82
C ILE A 37 3.09 -3.11 7.15
N VAL A 38 3.48 -2.95 5.90
CA VAL A 38 4.08 -4.06 5.17
C VAL A 38 5.31 -3.60 4.39
N ALA A 39 6.31 -4.47 4.31
CA ALA A 39 7.56 -4.13 3.64
C ALA A 39 8.11 -5.30 2.83
N ASP A 40 8.81 -4.99 1.73
CA ASP A 40 9.39 -6.04 0.89
C ASP A 40 10.44 -6.80 1.69
N LYS A 41 11.17 -6.07 2.54
CA LYS A 41 12.19 -6.68 3.37
C LYS A 41 12.45 -5.86 4.61
N GLN A 42 12.93 -6.53 5.65
CA GLN A 42 13.24 -5.87 6.92
C GLN A 42 14.72 -6.05 7.18
N THR A 43 15.37 -5.01 7.68
CA THR A 43 16.79 -5.07 7.98
C THR A 43 17.00 -5.47 9.44
N MET A 44 15.97 -5.25 10.26
CA MET A 44 16.04 -5.59 11.67
C MET A 44 14.79 -6.32 12.15
N GLY A 45 14.34 -7.30 11.36
CA GLY A 45 13.18 -8.05 11.74
C GLY A 45 13.47 -8.85 13.00
N HIS A 46 12.50 -8.99 13.88
CA HIS A 46 12.73 -9.73 15.12
C HIS A 46 11.56 -10.56 15.61
N GLY A 47 11.89 -11.52 16.47
CA GLY A 47 10.88 -12.37 17.08
C GLY A 47 10.85 -11.95 18.53
N ALA A 48 10.61 -12.87 19.45
CA ALA A 48 10.60 -12.54 20.87
C ALA A 48 12.04 -12.43 21.38
N LEU A 49 12.24 -11.72 22.49
CA LEU A 49 13.57 -11.55 23.07
C LEU A 49 14.58 -11.04 22.04
N ASN A 50 14.10 -10.18 21.15
CA ASN A 50 14.90 -9.60 20.08
C ASN A 50 15.66 -10.64 19.26
N ARG A 51 15.09 -11.84 19.16
CA ARG A 51 15.69 -12.90 18.36
C ARG A 51 15.59 -12.40 16.92
N LYS A 52 16.57 -12.76 16.10
CA LYS A 52 16.59 -12.32 14.71
C LYS A 52 15.56 -13.07 13.85
N TRP A 53 14.80 -12.32 13.05
CA TRP A 53 13.83 -12.92 12.14
C TRP A 53 14.27 -12.52 10.74
N GLU A 54 14.72 -13.51 9.97
CA GLU A 54 15.19 -13.27 8.61
C GLU A 54 14.02 -12.81 7.73
N SER A 55 14.17 -11.64 7.14
CA SER A 55 13.12 -11.04 6.32
C SER A 55 13.59 -10.60 4.93
N PRO A 56 14.04 -11.55 4.10
CA PRO A 56 14.50 -11.21 2.75
C PRO A 56 13.34 -10.97 1.77
N GLU A 57 13.66 -10.38 0.63
CA GLU A 57 12.65 -10.13 -0.40
C GLU A 57 11.98 -11.43 -0.82
N GLY A 58 10.66 -11.39 -1.01
CA GLY A 58 9.93 -12.57 -1.41
C GLY A 58 8.97 -13.08 -0.37
N GLY A 59 9.16 -12.64 0.87
CA GLY A 59 8.29 -13.06 1.95
C GLY A 59 7.26 -11.99 2.30
N LEU A 60 6.31 -12.33 3.16
CA LEU A 60 5.29 -11.37 3.57
C LEU A 60 5.58 -10.96 5.02
N TRP A 61 6.04 -9.74 5.18
CA TRP A 61 6.39 -9.22 6.51
C TRP A 61 5.45 -8.04 6.81
N LEU A 62 4.56 -8.21 7.78
CA LEU A 62 3.63 -7.15 8.11
C LEU A 62 3.21 -7.09 9.57
N SER A 63 2.65 -5.94 9.94
CA SER A 63 2.15 -5.72 11.29
C SER A 63 0.82 -4.98 11.17
N ILE A 64 -0.09 -5.27 12.09
CA ILE A 64 -1.40 -4.64 12.10
C ILE A 64 -1.64 -3.94 13.43
N VAL A 65 -2.06 -2.69 13.37
CA VAL A 65 -2.36 -1.91 14.57
C VAL A 65 -3.79 -2.23 15.00
N LEU A 66 -3.96 -2.63 16.25
CA LEU A 66 -5.27 -2.98 16.79
C LEU A 66 -5.54 -2.28 18.12
N SER A 67 -6.81 -1.98 18.36
CA SER A 67 -7.34 -1.35 19.57
C SER A 67 -8.58 -2.10 20.06
N PRO A 68 -8.37 -3.39 20.37
CA PRO A 68 -9.46 -4.30 20.68
C PRO A 68 -10.19 -3.89 21.95
N LYS A 69 -11.51 -3.65 21.79
CA LYS A 69 -12.31 -3.31 22.96
C LYS A 69 -12.92 -4.57 23.59
N VAL A 70 -12.03 -5.40 24.16
CA VAL A 70 -12.49 -6.57 24.90
C VAL A 70 -11.81 -6.61 26.27
N PRO A 71 -12.36 -7.45 27.18
CA PRO A 71 -11.79 -7.61 28.50
C PRO A 71 -10.30 -7.90 28.44
N GLN A 72 -9.56 -7.36 29.42
CA GLN A 72 -8.11 -7.52 29.42
C GLN A 72 -7.69 -8.99 29.42
N LYS A 73 -8.60 -9.85 29.90
CA LYS A 73 -8.26 -11.26 30.02
C LYS A 73 -8.25 -11.97 28.66
N ASP A 74 -8.78 -11.27 27.65
CA ASP A 74 -8.86 -11.87 26.32
C ASP A 74 -7.70 -11.44 25.41
N LEU A 75 -6.98 -10.39 25.87
CA LEU A 75 -5.98 -9.77 25.01
C LEU A 75 -4.92 -10.77 24.51
N PRO A 76 -4.48 -11.65 25.43
CA PRO A 76 -3.47 -12.65 25.12
C PRO A 76 -3.85 -13.57 23.95
N LYS A 77 -5.13 -13.51 23.55
CA LYS A 77 -5.58 -14.41 22.49
C LYS A 77 -5.32 -13.84 21.09
N ILE A 78 -4.87 -12.56 21.07
CA ILE A 78 -4.65 -11.92 19.78
C ILE A 78 -3.68 -12.71 18.89
N VAL A 79 -2.65 -13.28 19.53
CA VAL A 79 -1.67 -14.04 18.78
C VAL A 79 -2.32 -15.19 18.00
N PHE A 80 -3.39 -15.74 18.60
CA PHE A 80 -4.08 -16.84 17.94
C PHE A 80 -4.78 -16.38 16.65
N LEU A 81 -5.28 -15.13 16.68
CA LEU A 81 -5.89 -14.58 15.48
C LEU A 81 -4.91 -14.66 14.30
N GLY A 82 -3.67 -14.22 14.57
CA GLY A 82 -2.65 -14.23 13.53
C GLY A 82 -2.35 -15.65 13.05
N ALA A 83 -2.16 -16.55 14.03
CA ALA A 83 -1.82 -17.93 13.68
C ALA A 83 -2.89 -18.56 12.80
N VAL A 84 -4.15 -18.47 13.26
CA VAL A 84 -5.24 -19.06 12.51
C VAL A 84 -5.38 -18.41 11.13
N GLY A 85 -5.26 -17.07 11.11
CA GLY A 85 -5.35 -16.37 9.85
C GLY A 85 -4.39 -16.95 8.82
N VAL A 86 -3.14 -17.17 9.26
CA VAL A 86 -2.14 -17.73 8.37
C VAL A 86 -2.53 -19.13 7.89
N VAL A 87 -3.02 -19.94 8.85
CA VAL A 87 -3.43 -21.29 8.49
C VAL A 87 -4.51 -21.28 7.41
N GLU A 88 -5.52 -20.43 7.62
CA GLU A 88 -6.61 -20.36 6.66
C GLU A 88 -6.12 -19.95 5.27
N THR A 89 -5.19 -18.97 5.24
CA THR A 89 -4.65 -18.53 3.97
C THR A 89 -3.85 -19.63 3.27
N LEU A 90 -3.04 -20.33 4.09
CA LEU A 90 -2.27 -21.44 3.54
C LEU A 90 -3.18 -22.49 2.92
N LYS A 91 -4.28 -22.77 3.65
CA LYS A 91 -5.23 -23.76 3.16
C LYS A 91 -5.84 -23.34 1.82
N GLU A 92 -6.06 -22.01 1.70
CA GLU A 92 -6.58 -21.50 0.44
C GLU A 92 -5.63 -21.80 -0.73
N PHE A 93 -4.33 -21.86 -0.38
CA PHE A 93 -3.35 -22.20 -1.40
C PHE A 93 -2.99 -23.70 -1.37
N SER A 94 -3.81 -24.46 -0.61
CA SER A 94 -3.63 -25.90 -0.56
C SER A 94 -2.34 -26.31 0.13
N ILE A 95 -1.94 -25.50 1.13
CA ILE A 95 -0.79 -25.86 1.96
C ILE A 95 -1.25 -26.22 3.38
N ASP A 96 -0.74 -27.38 3.87
CA ASP A 96 -1.23 -27.87 5.16
C ASP A 96 -0.48 -27.25 6.34
N GLY A 97 -0.90 -26.02 6.70
CA GLY A 97 -0.27 -25.36 7.84
C GLY A 97 -0.87 -25.83 9.16
N ARG A 98 0.02 -26.17 10.11
CA ARG A 98 -0.43 -26.54 11.45
C ARG A 98 0.20 -25.65 12.51
N ILE A 99 -0.59 -25.35 13.56
CA ILE A 99 -0.11 -24.41 14.57
C ILE A 99 0.78 -25.08 15.62
N LYS A 100 1.97 -24.48 15.81
CA LYS A 100 2.80 -24.84 16.94
C LYS A 100 2.61 -23.82 18.07
N TRP A 101 1.88 -24.24 19.11
CA TRP A 101 1.57 -23.33 20.19
C TRP A 101 2.79 -22.51 20.62
N PRO A 102 2.58 -21.20 20.83
CA PRO A 102 1.30 -20.56 20.57
C PRO A 102 1.33 -19.68 19.32
N ASN A 103 2.52 -19.50 18.72
CA ASN A 103 2.63 -18.43 17.73
C ASN A 103 3.25 -18.86 16.39
N ASP A 104 3.54 -20.16 16.25
CA ASP A 104 4.18 -20.60 15.01
C ASP A 104 3.26 -21.44 14.13
N VAL A 105 3.50 -21.36 12.81
CA VAL A 105 2.81 -22.26 11.89
C VAL A 105 3.82 -23.14 11.14
N LEU A 106 3.61 -24.47 11.23
CA LEU A 106 4.54 -25.38 10.55
C LEU A 106 3.90 -26.08 9.37
N VAL A 107 4.75 -26.47 8.42
CA VAL A 107 4.34 -27.41 7.38
C VAL A 107 5.31 -28.59 7.35
N ASN A 108 4.79 -29.77 7.74
CA ASN A 108 5.67 -30.92 7.91
C ASN A 108 6.74 -30.62 8.96
N TYR A 109 6.30 -29.90 10.01
CA TYR A 109 7.16 -29.61 11.15
C TYR A 109 8.27 -28.60 10.83
N LYS A 110 8.15 -27.96 9.65
CA LYS A 110 9.07 -26.89 9.32
C LYS A 110 8.38 -25.53 9.41
N ALA A 111 9.09 -24.56 10.03
CA ALA A 111 8.46 -23.26 10.26
C ALA A 111 8.29 -22.47 8.98
N ILE A 112 7.00 -22.16 8.67
CA ILE A 112 6.72 -21.36 7.49
C ILE A 112 6.28 -19.95 7.85
N ALA A 113 5.86 -19.78 9.13
CA ALA A 113 5.42 -18.46 9.56
C ALA A 113 5.49 -18.30 11.08
N GLY A 114 5.67 -17.05 11.52
CA GLY A 114 5.71 -16.78 12.95
C GLY A 114 4.91 -15.52 13.29
N VAL A 115 4.27 -15.56 14.48
CA VAL A 115 3.49 -14.40 14.90
C VAL A 115 4.06 -13.78 16.18
N LEU A 116 4.10 -12.42 16.19
CA LEU A 116 4.60 -11.72 17.37
C LEU A 116 3.70 -10.54 17.74
N VAL A 117 3.07 -10.66 18.92
CA VAL A 117 2.21 -9.57 19.36
C VAL A 117 2.87 -8.70 20.42
N GLU A 118 2.83 -7.37 20.16
CA GLU A 118 3.34 -6.42 21.13
C GLU A 118 2.35 -5.27 21.32
N GLY A 119 2.29 -4.75 22.56
CA GLY A 119 1.34 -3.67 22.81
C GLY A 119 1.31 -3.28 24.28
N LYS A 120 0.25 -2.52 24.64
CA LYS A 120 0.12 -2.07 26.02
C LYS A 120 -1.25 -1.46 26.33
N GLY A 121 -2.25 -2.35 26.22
CA GLY A 121 -3.59 -1.90 26.54
C GLY A 121 -4.32 -1.41 25.27
N ASP A 122 -4.39 -0.07 25.14
CA ASP A 122 -5.17 0.51 24.04
C ASP A 122 -4.58 0.20 22.66
N LYS A 123 -3.25 -0.01 22.62
CA LYS A 123 -2.62 -0.25 21.32
C LYS A 123 -1.87 -1.59 21.29
N ILE A 124 -2.34 -2.47 20.41
CA ILE A 124 -1.75 -3.79 20.22
C ILE A 124 -1.23 -3.89 18.81
N VAL A 125 -0.03 -4.46 18.64
CA VAL A 125 0.55 -4.63 17.33
C VAL A 125 0.67 -6.12 17.03
N LEU A 126 -0.04 -6.56 16.00
CA LEU A 126 -0.03 -7.95 15.59
C LEU A 126 0.94 -8.10 14.42
N GLY A 127 2.10 -8.71 14.69
CA GLY A 127 3.11 -8.90 13.66
C GLY A 127 3.09 -10.31 13.10
N ILE A 128 3.25 -10.43 11.79
CA ILE A 128 3.23 -11.71 11.11
C ILE A 128 4.33 -11.80 10.05
N GLY A 129 5.11 -12.88 10.12
CA GLY A 129 6.16 -13.11 9.15
C GLY A 129 5.84 -14.43 8.46
N LEU A 130 5.62 -14.39 7.15
CA LEU A 130 5.27 -15.59 6.39
C LEU A 130 6.19 -15.76 5.17
N ASN A 131 6.87 -16.90 5.10
CA ASN A 131 7.78 -17.18 3.99
C ASN A 131 6.96 -17.59 2.77
N VAL A 132 7.09 -16.83 1.69
CA VAL A 132 6.36 -17.11 0.47
C VAL A 132 7.31 -17.56 -0.63
N ASN A 133 8.04 -16.62 -1.22
CA ASN A 133 8.97 -16.94 -2.30
C ASN A 133 10.43 -16.71 -1.91
N ASN A 134 10.67 -16.28 -0.68
CA ASN A 134 12.01 -15.99 -0.20
C ASN A 134 12.82 -17.21 0.23
N LYS A 135 14.14 -17.03 0.26
CA LYS A 135 15.03 -18.08 0.72
C LYS A 135 14.79 -18.10 2.24
N VAL A 136 14.92 -19.26 2.86
CA VAL A 136 14.68 -19.37 4.30
C VAL A 136 15.84 -20.04 5.03
N PRO A 137 15.92 -19.84 6.37
CA PRO A 137 16.99 -20.47 7.14
C PRO A 137 16.66 -21.94 7.40
N ASN A 138 17.67 -22.74 7.76
CA ASN A 138 17.41 -24.15 8.02
C ASN A 138 16.43 -24.30 9.19
N GLY A 139 15.54 -25.29 9.06
CA GLY A 139 14.49 -25.46 10.05
C GLY A 139 13.17 -24.84 9.57
N ALA A 140 13.28 -24.01 8.52
CA ALA A 140 12.10 -23.36 7.98
C ALA A 140 11.76 -23.84 6.57
N THR A 141 10.61 -23.38 6.08
CA THR A 141 10.16 -23.70 4.74
C THR A 141 9.38 -22.50 4.22
N SER A 142 8.88 -22.57 2.99
CA SER A 142 8.13 -21.47 2.39
C SER A 142 7.00 -22.01 1.52
N MET A 143 6.07 -21.13 1.14
CA MET A 143 4.96 -21.54 0.29
C MET A 143 5.49 -22.04 -1.04
N LYS A 144 6.48 -21.32 -1.58
CA LYS A 144 7.09 -21.69 -2.85
C LYS A 144 7.71 -23.09 -2.76
N LEU A 145 8.48 -23.32 -1.70
CA LEU A 145 9.14 -24.61 -1.50
C LEU A 145 8.15 -25.75 -1.34
N GLU A 146 7.01 -25.47 -0.72
CA GLU A 146 6.01 -26.51 -0.50
C GLU A 146 5.21 -26.83 -1.75
N LEU A 147 4.90 -25.80 -2.54
CA LEU A 147 4.11 -25.99 -3.75
C LEU A 147 4.97 -26.29 -4.98
N GLY A 148 6.25 -25.99 -4.89
CA GLY A 148 7.15 -26.24 -6.01
C GLY A 148 7.04 -25.20 -7.11
N SER A 149 6.43 -24.05 -6.78
CA SER A 149 6.27 -22.96 -7.73
C SER A 149 6.04 -21.68 -6.94
N GLU A 150 6.45 -20.55 -7.51
CA GLU A 150 6.27 -19.29 -6.80
C GLU A 150 4.81 -18.87 -6.73
N VAL A 151 4.47 -18.15 -5.66
CA VAL A 151 3.10 -17.69 -5.43
C VAL A 151 3.06 -16.17 -5.47
N PRO A 152 2.04 -15.59 -6.14
CA PRO A 152 1.92 -14.14 -6.21
C PRO A 152 1.82 -13.57 -4.80
N LEU A 153 2.84 -12.81 -4.40
CA LEU A 153 2.87 -12.24 -3.05
C LEU A 153 1.64 -11.40 -2.73
N LEU A 154 1.16 -10.62 -3.70
CA LEU A 154 -0.01 -9.78 -3.45
C LEU A 154 -1.25 -10.61 -3.18
N SER A 155 -1.38 -11.76 -3.86
CA SER A 155 -2.54 -12.62 -3.66
C SER A 155 -2.52 -13.16 -2.24
N VAL A 156 -1.34 -13.49 -1.74
CA VAL A 156 -1.22 -13.99 -0.37
C VAL A 156 -1.63 -12.87 0.58
N PHE A 157 -1.17 -11.65 0.31
CA PHE A 157 -1.49 -10.50 1.15
C PHE A 157 -3.01 -10.30 1.23
N ARG A 158 -3.67 -10.26 0.08
CA ARG A 158 -5.11 -10.07 0.03
C ARG A 158 -5.85 -11.16 0.81
N SER A 159 -5.42 -12.41 0.60
CA SER A 159 -6.02 -13.54 1.30
C SER A 159 -5.92 -13.38 2.82
N LEU A 160 -4.70 -13.14 3.28
CA LEU A 160 -4.45 -13.00 4.72
C LEU A 160 -5.21 -11.84 5.35
N ILE A 161 -5.21 -10.69 4.70
CA ILE A 161 -5.90 -9.52 5.23
C ILE A 161 -7.40 -9.77 5.34
N THR A 162 -7.95 -10.40 4.31
CA THR A 162 -9.37 -10.73 4.31
C THR A 162 -9.70 -11.66 5.47
N ASN A 163 -8.86 -12.67 5.67
CA ASN A 163 -9.09 -13.63 6.75
C ASN A 163 -8.96 -13.00 8.13
N LEU A 164 -7.92 -12.19 8.32
CA LEU A 164 -7.70 -11.55 9.60
C LEU A 164 -8.83 -10.59 9.98
N ASP A 165 -9.33 -9.84 8.99
CA ASP A 165 -10.41 -8.88 9.25
C ASP A 165 -11.63 -9.64 9.77
N ARG A 166 -11.98 -10.75 9.10
CA ARG A 166 -13.13 -11.55 9.52
C ARG A 166 -12.93 -12.09 10.94
N LEU A 167 -11.76 -12.69 11.17
CA LEU A 167 -11.45 -13.25 12.49
C LEU A 167 -11.50 -12.17 13.58
N TYR A 168 -10.94 -11.01 13.28
CA TYR A 168 -10.91 -9.92 14.25
C TYR A 168 -12.31 -9.42 14.59
N LEU A 169 -13.12 -9.21 13.56
CA LEU A 169 -14.49 -8.75 13.78
C LEU A 169 -15.26 -9.69 14.69
N ASN A 170 -15.11 -10.98 14.46
CA ASN A 170 -15.81 -11.97 15.29
C ASN A 170 -15.21 -12.02 16.69
N PHE A 171 -13.92 -11.75 16.80
CA PHE A 171 -13.23 -11.76 18.08
C PHE A 171 -13.80 -10.67 19.00
N LEU A 172 -14.08 -9.51 18.41
CA LEU A 172 -14.63 -8.40 19.18
C LEU A 172 -15.99 -8.76 19.77
N LYS A 173 -16.75 -9.60 19.06
CA LYS A 173 -18.06 -10.02 19.53
C LYS A 173 -18.04 -11.27 20.40
N ASN A 174 -17.18 -12.22 20.04
CA ASN A 174 -17.07 -13.49 20.77
C ASN A 174 -15.60 -13.88 20.90
N PRO A 175 -14.88 -13.29 21.87
CA PRO A 175 -13.46 -13.55 22.13
C PRO A 175 -13.06 -15.01 22.35
N MET A 176 -14.02 -15.84 22.71
CA MET A 176 -13.75 -17.25 22.97
C MET A 176 -13.70 -18.13 21.71
N ASP A 177 -14.42 -17.72 20.67
CA ASP A 177 -14.48 -18.46 19.42
C ASP A 177 -13.14 -18.85 18.81
N ILE A 178 -12.15 -17.97 18.91
CA ILE A 178 -10.85 -18.24 18.32
C ILE A 178 -10.15 -19.46 18.92
N LEU A 179 -10.48 -19.80 20.17
CA LEU A 179 -9.86 -20.94 20.84
C LEU A 179 -10.26 -22.25 20.15
N ASN A 180 -11.48 -22.32 19.66
CA ASN A 180 -11.95 -23.52 18.97
C ASN A 180 -11.20 -23.70 17.65
N LEU A 181 -10.91 -22.59 16.99
CA LEU A 181 -10.20 -22.64 15.70
C LEU A 181 -8.74 -23.03 15.90
N VAL A 182 -8.12 -22.52 16.96
CA VAL A 182 -6.73 -22.86 17.23
C VAL A 182 -6.66 -24.36 17.52
N ARG A 183 -7.57 -24.83 18.37
CA ARG A 183 -7.64 -26.22 18.76
C ARG A 183 -7.76 -27.14 17.54
N ASP A 184 -8.61 -26.77 16.60
CA ASP A 184 -8.81 -27.58 15.39
C ASP A 184 -7.62 -27.53 14.43
N ASN A 185 -6.76 -26.52 14.59
CA ASN A 185 -5.62 -26.36 13.69
C ASN A 185 -4.25 -26.48 14.33
N MET A 186 -4.19 -26.94 15.57
CA MET A 186 -2.90 -27.04 16.23
C MET A 186 -2.39 -28.47 16.35
N ILE A 187 -1.06 -28.57 16.49
CA ILE A 187 -0.40 -29.86 16.63
C ILE A 187 -0.61 -30.35 18.06
N LEU A 188 -1.31 -31.49 18.19
CA LEU A 188 -1.59 -32.07 19.50
C LEU A 188 -1.37 -33.58 19.47
N GLY A 189 -1.37 -34.19 20.66
CA GLY A 189 -1.21 -35.63 20.77
C GLY A 189 0.21 -36.13 20.59
N VAL A 190 1.17 -35.21 20.57
CA VAL A 190 2.58 -35.59 20.42
C VAL A 190 3.37 -35.11 21.63
N ARG A 191 4.59 -35.62 21.77
CA ARG A 191 5.42 -35.24 22.90
C ARG A 191 6.14 -33.91 22.64
N VAL A 192 6.18 -33.05 23.65
CA VAL A 192 6.83 -31.76 23.51
C VAL A 192 7.67 -31.45 24.74
N LYS A 193 8.65 -30.56 24.55
CA LYS A 193 9.51 -30.14 25.63
C LYS A 193 9.25 -28.65 25.86
N ILE A 194 9.00 -28.28 27.10
CA ILE A 194 8.74 -26.88 27.43
C ILE A 194 9.98 -26.28 28.09
N LEU A 195 10.53 -25.25 27.46
CA LEU A 195 11.73 -24.60 27.98
C LEU A 195 11.40 -23.25 28.64
N GLY A 196 11.64 -23.19 29.96
CA GLY A 196 11.39 -21.93 30.68
C GLY A 196 12.30 -21.79 31.91
N ASP A 197 11.65 -21.54 33.06
CA ASP A 197 12.42 -21.50 34.31
C ASP A 197 13.34 -22.71 34.39
N GLY A 198 12.79 -23.85 33.95
CA GLY A 198 13.62 -25.04 33.78
C GLY A 198 13.24 -25.74 32.48
N SER A 199 12.63 -26.93 32.64
CA SER A 199 12.12 -27.63 31.48
C SER A 199 11.47 -28.96 31.88
N PHE A 200 10.47 -29.38 31.11
CA PHE A 200 9.80 -30.64 31.37
C PHE A 200 9.22 -31.16 30.06
N GLU A 201 8.96 -32.45 30.01
CA GLU A 201 8.42 -33.08 28.81
C GLU A 201 7.07 -33.72 29.10
N GLY A 202 6.27 -33.88 28.04
CA GLY A 202 4.97 -34.49 28.19
C GLY A 202 4.18 -34.44 26.90
N ILE A 203 2.96 -34.96 26.93
CA ILE A 203 2.11 -34.97 25.75
C ILE A 203 1.28 -33.69 25.70
N ALA A 204 1.31 -33.00 24.56
CA ALA A 204 0.53 -31.78 24.39
C ALA A 204 -0.89 -32.29 24.13
N GLU A 205 -1.73 -32.20 25.15
CA GLU A 205 -3.10 -32.68 25.08
C GLU A 205 -4.12 -31.74 24.45
N ASP A 206 -4.06 -30.46 24.78
CA ASP A 206 -5.05 -29.52 24.26
C ASP A 206 -4.76 -28.15 24.85
N ILE A 207 -5.58 -27.15 24.50
CA ILE A 207 -5.44 -25.82 25.08
C ILE A 207 -6.71 -25.64 25.89
N ASP A 208 -6.63 -24.97 27.04
CA ASP A 208 -7.83 -24.78 27.84
C ASP A 208 -8.59 -23.51 27.48
N ASP A 209 -9.61 -23.19 28.28
CA ASP A 209 -10.45 -22.03 28.03
C ASP A 209 -9.72 -20.67 28.18
N PHE A 210 -8.43 -20.75 28.57
CA PHE A 210 -7.64 -19.51 28.64
C PHE A 210 -6.54 -19.46 27.57
N GLY A 211 -6.49 -20.54 26.75
CA GLY A 211 -5.47 -20.62 25.70
C GLY A 211 -4.18 -21.24 26.23
N ARG A 212 -4.21 -21.74 27.46
CA ARG A 212 -3.03 -22.37 28.06
C ARG A 212 -2.83 -23.76 27.48
N LEU A 213 -1.58 -24.13 27.20
CA LEU A 213 -1.30 -25.45 26.66
C LEU A 213 -1.34 -26.44 27.82
N ILE A 214 -2.10 -27.51 27.64
CA ILE A 214 -2.24 -28.54 28.67
C ILE A 214 -1.31 -29.70 28.33
N ILE A 215 -0.34 -29.95 29.21
CA ILE A 215 0.64 -31.01 29.00
C ILE A 215 0.52 -32.10 30.05
N ARG A 216 0.50 -33.35 29.61
CA ARG A 216 0.43 -34.47 30.54
C ARG A 216 1.81 -35.09 30.66
N LEU A 217 2.41 -35.01 31.83
CA LEU A 217 3.73 -35.60 32.04
C LEU A 217 3.55 -37.09 32.23
N ASP A 218 4.61 -37.87 32.00
CA ASP A 218 4.54 -39.32 32.12
C ASP A 218 3.96 -39.76 33.47
N SER A 219 4.23 -38.95 34.50
CA SER A 219 3.77 -39.32 35.84
C SER A 219 2.27 -39.15 35.99
N GLY A 220 1.66 -38.48 34.99
CA GLY A 220 0.23 -38.24 35.04
C GLY A 220 -0.08 -36.81 35.48
N GLU A 221 0.96 -36.14 36.02
CA GLU A 221 0.78 -34.77 36.46
C GLU A 221 0.44 -33.84 35.29
N VAL A 222 -0.59 -33.00 35.50
CA VAL A 222 -0.99 -32.07 34.46
C VAL A 222 -0.45 -30.67 34.72
N LYS A 223 0.19 -30.08 33.71
CA LYS A 223 0.69 -28.72 33.83
C LYS A 223 0.01 -27.85 32.78
N LYS A 224 -0.27 -26.61 33.15
CA LYS A 224 -0.92 -25.66 32.26
C LYS A 224 0.12 -24.60 31.95
N VAL A 225 0.46 -24.46 30.67
CA VAL A 225 1.47 -23.50 30.28
C VAL A 225 0.91 -22.19 29.74
N ILE A 226 1.43 -21.10 30.27
CA ILE A 226 1.06 -19.75 29.84
C ILE A 226 2.21 -19.30 28.97
N TYR A 227 1.94 -18.81 27.77
CA TYR A 227 3.05 -18.39 26.92
C TYR A 227 3.58 -17.04 27.37
N GLY A 228 4.89 -16.87 27.23
CA GLY A 228 5.55 -15.65 27.63
C GLY A 228 6.89 -16.00 28.25
N ASP A 229 7.88 -16.18 27.39
CA ASP A 229 9.24 -16.52 27.78
C ASP A 229 9.44 -18.03 27.94
N VAL A 230 8.58 -18.80 27.29
CA VAL A 230 8.70 -20.25 27.29
C VAL A 230 8.73 -20.65 25.84
N SER A 231 9.60 -21.61 25.52
CA SER A 231 9.72 -22.10 24.15
C SER A 231 9.29 -23.54 24.09
N LEU A 232 8.59 -23.91 23.03
CA LEU A 232 8.13 -25.28 22.86
C LEU A 232 9.00 -25.97 21.83
N ARG A 233 9.45 -27.17 22.17
CA ARG A 233 10.27 -27.96 21.27
C ARG A 233 9.62 -29.32 21.06
N PHE A 234 9.50 -29.74 19.81
CA PHE A 234 8.93 -31.04 19.52
C PHE A 234 10.08 -32.04 19.62
N LEU A 235 9.77 -33.25 20.07
CA LEU A 235 10.77 -34.29 20.23
C LEU A 235 10.75 -35.27 19.06
N MET B 1 5.29 -5.78 0.04
CA MET B 1 4.77 -6.90 -0.79
C MET B 1 4.49 -6.48 -2.23
N LEU B 2 4.59 -5.18 -2.51
CA LEU B 2 4.36 -4.67 -3.85
C LEU B 2 5.61 -4.81 -4.73
N GLY B 3 6.76 -4.93 -4.08
CA GLY B 3 8.01 -5.09 -4.81
C GLY B 3 8.34 -4.01 -5.81
N LEU B 4 8.10 -2.75 -5.45
CA LEU B 4 8.40 -1.65 -6.36
C LEU B 4 9.92 -1.51 -6.48
N LYS B 5 10.40 -1.24 -7.68
CA LYS B 5 11.84 -1.12 -7.90
C LYS B 5 12.29 0.31 -8.20
N THR B 6 11.40 1.27 -7.99
CA THR B 6 11.72 2.68 -8.24
C THR B 6 12.75 3.22 -7.26
N SER B 7 13.46 4.27 -7.67
CA SER B 7 14.49 4.86 -6.82
C SER B 7 13.96 5.79 -5.73
N ILE B 8 13.11 6.74 -6.12
CA ILE B 8 12.58 7.70 -5.16
C ILE B 8 11.06 7.63 -5.01
N ILE B 9 10.35 7.86 -6.10
CA ILE B 9 8.89 7.82 -6.08
C ILE B 9 8.39 6.40 -5.90
N GLY B 10 7.81 6.14 -4.74
CA GLY B 10 7.32 4.78 -4.47
C GLY B 10 8.13 4.06 -3.40
N ARG B 11 9.16 4.75 -2.85
CA ARG B 11 9.89 4.16 -1.73
C ARG B 11 8.93 3.73 -0.61
N ARG B 12 7.91 4.59 -0.44
CA ARG B 12 6.82 4.31 0.49
C ARG B 12 5.49 4.60 -0.19
N VAL B 13 4.45 3.84 0.13
CA VAL B 13 3.12 4.08 -0.41
C VAL B 13 2.10 3.95 0.71
N ILE B 14 1.26 4.98 0.87
CA ILE B 14 0.21 4.94 1.87
C ILE B 14 -1.12 4.83 1.14
N TYR B 15 -1.75 3.68 1.30
CA TYR B 15 -3.03 3.37 0.66
C TYR B 15 -4.21 3.53 1.61
N PHE B 16 -5.30 4.11 1.10
CA PHE B 16 -6.56 4.40 1.78
C PHE B 16 -7.74 3.74 1.03
N GLN B 17 -8.59 3.02 1.78
CA GLN B 17 -9.85 2.61 1.16
C GLN B 17 -10.66 3.85 0.80
N GLU B 18 -10.59 4.84 1.71
CA GLU B 18 -11.33 6.08 1.51
C GLU B 18 -10.60 7.26 2.16
N ILE B 19 -10.70 8.44 1.56
CA ILE B 19 -10.01 9.60 2.10
C ILE B 19 -10.70 10.87 1.60
N THR B 20 -10.48 11.98 2.29
CA THR B 20 -11.04 13.25 1.86
C THR B 20 -10.35 13.65 0.56
N SER B 21 -9.02 13.78 0.64
CA SER B 21 -8.20 14.14 -0.52
C SER B 21 -6.74 13.75 -0.29
N THR B 22 -6.15 13.05 -1.25
CA THR B 22 -4.75 12.65 -1.10
C THR B 22 -3.83 13.87 -1.10
N ASN B 23 -4.20 14.91 -1.83
CA ASN B 23 -3.39 16.12 -1.86
C ASN B 23 -3.41 16.77 -0.49
N GLU B 24 -4.58 16.88 0.11
CA GLU B 24 -4.70 17.48 1.43
C GLU B 24 -3.92 16.68 2.48
N PHE B 25 -4.03 15.36 2.42
CA PHE B 25 -3.32 14.52 3.37
C PHE B 25 -1.81 14.72 3.22
N ALA B 26 -1.35 14.73 1.97
CA ALA B 26 0.06 14.90 1.67
C ALA B 26 0.58 16.25 2.15
N LYS B 27 -0.25 17.28 2.06
CA LYS B 27 0.15 18.62 2.49
C LYS B 27 0.28 18.77 4.00
N THR B 28 -0.62 18.12 4.73
CA THR B 28 -0.64 18.25 6.18
C THR B 28 0.10 17.19 6.99
N SER B 29 0.64 16.17 6.34
CA SER B 29 1.33 15.12 7.07
C SER B 29 2.83 15.13 6.75
N TYR B 30 3.66 14.82 7.75
CA TYR B 30 5.10 14.78 7.50
C TYR B 30 5.39 13.45 6.79
N LEU B 31 5.84 13.55 5.55
CA LEU B 31 6.14 12.36 4.76
C LEU B 31 7.49 12.55 4.04
N GLU B 32 8.25 11.47 3.92
CA GLU B 32 9.54 11.57 3.24
C GLU B 32 9.33 11.72 1.73
N GLU B 33 10.33 12.29 1.07
CA GLU B 33 10.25 12.48 -0.37
C GLU B 33 10.03 11.15 -1.08
N GLY B 34 9.14 11.15 -2.07
CA GLY B 34 8.87 9.93 -2.82
C GLY B 34 7.67 9.16 -2.32
N THR B 35 7.16 9.52 -1.15
CA THR B 35 6.00 8.84 -0.59
C THR B 35 4.81 9.08 -1.49
N VAL B 36 4.06 8.02 -1.79
CA VAL B 36 2.88 8.12 -2.62
C VAL B 36 1.64 7.89 -1.77
N ILE B 37 0.68 8.81 -1.88
CA ILE B 37 -0.57 8.70 -1.14
C ILE B 37 -1.62 8.31 -2.19
N VAL B 38 -2.28 7.16 -2.00
CA VAL B 38 -3.27 6.71 -2.98
C VAL B 38 -4.52 6.17 -2.29
N ALA B 39 -5.69 6.42 -2.88
CA ALA B 39 -6.95 5.97 -2.29
C ALA B 39 -7.94 5.45 -3.33
N ASP B 40 -8.76 4.46 -2.94
CA ASP B 40 -9.73 3.90 -3.86
C ASP B 40 -10.77 4.96 -4.22
N LYS B 41 -11.07 5.82 -3.26
CA LYS B 41 -12.05 6.87 -3.47
C LYS B 41 -11.77 8.10 -2.62
N GLN B 42 -12.09 9.27 -3.17
CA GLN B 42 -11.91 10.53 -2.45
C GLN B 42 -13.30 11.16 -2.28
N THR B 43 -13.59 11.66 -1.08
CA THR B 43 -14.89 12.28 -0.82
C THR B 43 -14.83 13.77 -1.09
N MET B 44 -13.62 14.32 -1.05
CA MET B 44 -13.42 15.75 -1.27
C MET B 44 -12.26 16.00 -2.22
N GLY B 45 -12.21 15.25 -3.31
CA GLY B 45 -11.15 15.43 -4.28
C GLY B 45 -11.33 16.79 -4.92
N HIS B 46 -10.23 17.47 -5.25
CA HIS B 46 -10.38 18.77 -5.87
C HIS B 46 -9.43 19.06 -7.01
N GLY B 47 -9.85 19.98 -7.85
CA GLY B 47 -9.04 20.40 -8.97
C GLY B 47 -8.50 21.76 -8.63
N ALA B 48 -8.33 22.60 -9.64
CA ALA B 48 -7.81 23.95 -9.41
C ALA B 48 -8.91 24.79 -8.76
N LEU B 49 -8.44 25.94 -8.24
CA LEU B 49 -9.40 26.84 -7.62
C LEU B 49 -10.32 26.14 -6.60
N ASN B 50 -11.63 26.27 -6.77
CA ASN B 50 -12.57 25.62 -5.87
C ASN B 50 -13.40 24.56 -6.59
N ARG B 51 -12.77 23.87 -7.54
CA ARG B 51 -13.47 22.85 -8.31
C ARG B 51 -13.34 21.44 -7.72
N LYS B 52 -14.39 20.66 -7.86
CA LYS B 52 -14.40 19.30 -7.35
C LYS B 52 -13.93 18.30 -8.41
N TRP B 53 -13.14 17.32 -7.99
CA TRP B 53 -12.69 16.30 -8.91
C TRP B 53 -13.39 15.02 -8.49
N GLU B 54 -14.29 14.54 -9.34
CA GLU B 54 -15.04 13.31 -9.04
C GLU B 54 -14.05 12.17 -8.91
N SER B 55 -14.08 11.50 -7.75
CA SER B 55 -13.14 10.41 -7.50
C SER B 55 -13.80 9.13 -6.99
N PRO B 56 -14.68 8.51 -7.79
CA PRO B 56 -15.34 7.28 -7.34
C PRO B 56 -14.43 6.07 -7.46
N GLU B 57 -14.85 4.94 -6.88
CA GLU B 57 -14.06 3.71 -6.95
C GLU B 57 -13.83 3.34 -8.42
N GLY B 58 -12.64 2.81 -8.70
CA GLY B 58 -12.32 2.40 -10.06
C GLY B 58 -11.24 3.24 -10.71
N GLY B 59 -11.01 4.45 -10.21
CA GLY B 59 -10.00 5.31 -10.79
C GLY B 59 -8.72 5.33 -9.99
N LEU B 60 -7.72 6.04 -10.51
CA LEU B 60 -6.43 6.15 -9.84
C LEU B 60 -6.28 7.56 -9.30
N TRP B 61 -6.40 7.69 -7.98
CA TRP B 61 -6.31 8.98 -7.31
C TRP B 61 -5.10 8.97 -6.38
N LEU B 62 -4.05 9.69 -6.75
CA LEU B 62 -2.86 9.70 -5.91
C LEU B 62 -2.12 11.02 -5.86
N SER B 63 -1.24 11.14 -4.86
CA SER B 63 -0.42 12.33 -4.67
C SER B 63 1.00 11.86 -4.35
N ILE B 64 1.99 12.61 -4.83
CA ILE B 64 3.37 12.26 -4.59
C ILE B 64 4.11 13.41 -3.93
N VAL B 65 4.83 13.10 -2.86
CA VAL B 65 5.60 14.09 -2.12
C VAL B 65 6.99 14.26 -2.74
N LEU B 66 7.32 15.49 -3.13
CA LEU B 66 8.60 15.79 -3.74
C LEU B 66 9.27 16.95 -3.01
N SER B 67 10.58 17.05 -3.14
CA SER B 67 11.33 18.15 -2.51
C SER B 67 12.52 18.46 -3.42
N PRO B 68 12.25 18.94 -4.64
CA PRO B 68 13.19 19.30 -5.70
C PRO B 68 14.25 20.33 -5.35
N LYS B 69 15.51 19.89 -5.28
CA LYS B 69 16.61 20.79 -4.98
C LYS B 69 17.03 21.45 -6.29
N VAL B 70 16.09 22.13 -6.94
CA VAL B 70 16.38 22.81 -8.20
C VAL B 70 15.96 24.27 -8.06
N PRO B 71 16.43 25.13 -8.97
CA PRO B 71 16.08 26.55 -8.91
C PRO B 71 14.57 26.77 -8.77
N GLN B 72 14.20 27.90 -8.18
CA GLN B 72 12.80 28.27 -7.98
C GLN B 72 12.05 28.37 -9.29
N LYS B 73 12.74 28.83 -10.33
CA LYS B 73 12.14 29.02 -11.64
C LYS B 73 11.71 27.74 -12.37
N ASP B 74 12.15 26.58 -11.88
CA ASP B 74 11.82 25.32 -12.53
C ASP B 74 10.60 24.63 -11.93
N LEU B 75 10.17 25.10 -10.76
CA LEU B 75 9.05 24.48 -10.06
C LEU B 75 7.72 24.44 -10.82
N PRO B 76 7.49 25.41 -11.72
CA PRO B 76 6.21 25.37 -12.44
C PRO B 76 6.14 24.19 -13.43
N LYS B 77 7.26 23.52 -13.65
CA LYS B 77 7.33 22.40 -14.57
C LYS B 77 6.90 21.07 -13.94
N ILE B 78 6.77 21.02 -12.63
CA ILE B 78 6.38 19.78 -11.94
C ILE B 78 5.05 19.25 -12.46
N VAL B 79 4.11 20.15 -12.76
CA VAL B 79 2.82 19.70 -13.26
C VAL B 79 3.02 18.95 -14.58
N PHE B 80 4.01 19.37 -15.36
CA PHE B 80 4.31 18.73 -16.64
C PHE B 80 4.81 17.31 -16.47
N LEU B 81 5.57 17.05 -15.40
CA LEU B 81 6.08 15.70 -15.15
C LEU B 81 4.87 14.78 -14.96
N GLY B 82 3.90 15.26 -14.20
CA GLY B 82 2.70 14.48 -13.97
C GLY B 82 1.95 14.21 -15.27
N ALA B 83 1.74 15.25 -16.06
CA ALA B 83 1.01 15.12 -17.32
C ALA B 83 1.70 14.19 -18.31
N VAL B 84 3.01 14.36 -18.47
CA VAL B 84 3.79 13.51 -19.38
C VAL B 84 3.78 12.06 -18.87
N GLY B 85 3.91 11.89 -17.57
CA GLY B 85 3.90 10.55 -17.01
C GLY B 85 2.61 9.84 -17.40
N VAL B 86 1.49 10.53 -17.27
CA VAL B 86 0.19 9.96 -17.63
C VAL B 86 0.16 9.62 -19.12
N VAL B 87 0.63 10.54 -19.94
CA VAL B 87 0.64 10.30 -21.38
C VAL B 87 1.43 9.03 -21.71
N GLU B 88 2.60 8.88 -21.09
CA GLU B 88 3.44 7.72 -21.34
C GLU B 88 2.74 6.43 -20.91
N THR B 89 2.09 6.45 -19.75
CA THR B 89 1.38 5.28 -19.25
C THR B 89 0.23 4.92 -20.18
N LEU B 90 -0.51 5.94 -20.64
CA LEU B 90 -1.62 5.69 -21.55
C LEU B 90 -1.11 5.00 -22.81
N LYS B 91 0.03 5.45 -23.32
CA LYS B 91 0.59 4.85 -24.53
C LYS B 91 0.90 3.37 -24.35
N GLU B 92 1.37 3.02 -23.16
CA GLU B 92 1.67 1.62 -22.86
C GLU B 92 0.42 0.78 -22.97
N PHE B 93 -0.74 1.40 -22.70
CA PHE B 93 -2.02 0.71 -22.80
C PHE B 93 -2.72 0.99 -24.13
N SER B 94 -1.95 1.44 -25.11
CA SER B 94 -2.48 1.72 -26.45
C SER B 94 -3.48 2.85 -26.53
N ILE B 95 -3.33 3.85 -25.68
CA ILE B 95 -4.22 5.01 -25.68
C ILE B 95 -3.39 6.25 -25.96
N ASP B 96 -3.84 7.06 -26.91
CA ASP B 96 -3.13 8.27 -27.27
C ASP B 96 -3.69 9.49 -26.55
N GLY B 97 -3.01 9.90 -25.49
CA GLY B 97 -3.45 11.06 -24.73
C GLY B 97 -2.68 12.29 -25.13
N ARG B 98 -3.36 13.43 -25.16
CA ARG B 98 -2.73 14.70 -25.51
C ARG B 98 -2.97 15.70 -24.39
N ILE B 99 -1.95 16.49 -24.07
CA ILE B 99 -2.05 17.47 -23.00
C ILE B 99 -2.72 18.79 -23.36
N LYS B 100 -3.72 19.17 -22.55
CA LYS B 100 -4.37 20.45 -22.73
C LYS B 100 -3.69 21.30 -21.65
N TRP B 101 -2.92 22.28 -22.08
CA TRP B 101 -2.18 23.13 -21.14
C TRP B 101 -3.09 23.65 -20.04
N PRO B 102 -2.61 23.61 -18.79
CA PRO B 102 -1.26 23.11 -18.46
C PRO B 102 -1.28 21.79 -17.69
N ASN B 103 -2.47 21.36 -17.27
CA ASN B 103 -2.57 20.19 -16.41
C ASN B 103 -3.54 19.07 -16.77
N ASP B 104 -4.16 19.13 -17.95
CA ASP B 104 -5.11 18.09 -18.31
C ASP B 104 -4.66 17.20 -19.44
N VAL B 105 -5.13 15.95 -19.42
CA VAL B 105 -4.80 15.00 -20.47
C VAL B 105 -6.11 14.58 -21.11
N LEU B 106 -6.21 14.78 -22.42
CA LEU B 106 -7.42 14.43 -23.15
C LEU B 106 -7.18 13.33 -24.17
N VAL B 107 -8.23 12.57 -24.45
CA VAL B 107 -8.20 11.52 -25.45
C VAL B 107 -9.36 11.87 -26.38
N ASN B 108 -9.04 12.20 -27.63
CA ASN B 108 -10.07 12.60 -28.59
C ASN B 108 -10.87 13.74 -27.99
N TYR B 109 -10.15 14.64 -27.31
CA TYR B 109 -10.73 15.82 -26.68
C TYR B 109 -11.56 15.62 -25.41
N LYS B 110 -11.63 14.38 -24.91
CA LYS B 110 -12.37 14.12 -23.67
C LYS B 110 -11.35 13.96 -22.54
N ALA B 111 -11.57 14.67 -21.43
CA ALA B 111 -10.65 14.61 -20.30
C ALA B 111 -10.57 13.21 -19.67
N ILE B 112 -9.35 12.68 -19.57
CA ILE B 112 -9.16 11.36 -18.98
C ILE B 112 -8.36 11.48 -17.68
N ALA B 113 -7.66 12.60 -17.52
CA ALA B 113 -6.85 12.81 -16.33
C ALA B 113 -6.57 14.27 -16.04
N GLY B 114 -6.27 14.55 -14.79
CA GLY B 114 -5.97 15.90 -14.37
C GLY B 114 -4.83 15.91 -13.37
N VAL B 115 -4.01 16.97 -13.42
CA VAL B 115 -2.87 17.09 -12.51
C VAL B 115 -3.01 18.35 -11.68
N LEU B 116 -2.68 18.27 -10.40
CA LEU B 116 -2.76 19.42 -9.51
C LEU B 116 -1.55 19.46 -8.59
N VAL B 117 -0.71 20.47 -8.78
CA VAL B 117 0.49 20.62 -7.97
C VAL B 117 0.29 21.71 -6.93
N GLU B 118 0.62 21.38 -5.68
CA GLU B 118 0.51 22.33 -4.59
C GLU B 118 1.79 22.36 -3.80
N GLY B 119 2.32 23.56 -3.60
CA GLY B 119 3.54 23.71 -2.83
C GLY B 119 3.21 24.08 -1.40
N LYS B 120 3.80 23.36 -0.45
CA LYS B 120 3.56 23.61 0.97
C LYS B 120 4.89 23.58 1.70
N GLY B 121 5.31 24.74 2.21
CA GLY B 121 6.60 24.81 2.88
C GLY B 121 7.58 24.48 1.76
N ASP B 122 8.55 23.63 2.02
CA ASP B 122 9.49 23.28 0.97
C ASP B 122 9.25 21.87 0.42
N LYS B 123 8.02 21.40 0.60
CA LYS B 123 7.60 20.10 0.08
C LYS B 123 6.62 20.42 -1.04
N ILE B 124 6.70 19.68 -2.13
CA ILE B 124 5.81 19.88 -3.26
C ILE B 124 4.95 18.64 -3.39
N VAL B 125 3.65 18.85 -3.56
CA VAL B 125 2.72 17.74 -3.70
C VAL B 125 2.23 17.67 -5.13
N LEU B 126 2.50 16.53 -5.77
CA LEU B 126 2.09 16.30 -7.15
C LEU B 126 0.88 15.37 -7.16
N GLY B 127 -0.29 15.95 -7.41
CA GLY B 127 -1.51 15.17 -7.44
C GLY B 127 -1.94 14.80 -8.85
N ILE B 128 -2.37 13.54 -9.01
CA ILE B 128 -2.80 13.05 -10.30
C ILE B 128 -4.08 12.24 -10.17
N GLY B 129 -5.05 12.58 -11.00
CA GLY B 129 -6.31 11.86 -11.02
C GLY B 129 -6.48 11.29 -12.41
N LEU B 130 -6.54 9.97 -12.52
CA LEU B 130 -6.71 9.32 -13.83
C LEU B 130 -7.91 8.39 -13.83
N ASN B 131 -8.81 8.57 -14.80
CA ASN B 131 -9.99 7.73 -14.90
C ASN B 131 -9.63 6.39 -15.53
N VAL B 132 -9.83 5.31 -14.78
CA VAL B 132 -9.51 3.98 -15.27
C VAL B 132 -10.77 3.17 -15.53
N ASN B 133 -11.39 2.66 -14.46
CA ASN B 133 -12.60 1.85 -14.61
C ASN B 133 -13.82 2.52 -14.00
N ASN B 134 -13.62 3.68 -13.39
CA ASN B 134 -14.69 4.43 -12.74
C ASN B 134 -15.61 5.17 -13.69
N LYS B 135 -16.78 5.54 -13.17
CA LYS B 135 -17.75 6.31 -13.92
C LYS B 135 -17.16 7.72 -14.01
N VAL B 136 -17.37 8.39 -15.13
CA VAL B 136 -16.84 9.74 -15.32
C VAL B 136 -17.94 10.73 -15.67
N PRO B 137 -17.68 12.04 -15.46
CA PRO B 137 -18.66 13.09 -15.75
C PRO B 137 -18.93 13.13 -17.26
N ASN B 138 -20.14 13.56 -17.65
CA ASN B 138 -20.47 13.64 -19.06
C ASN B 138 -19.40 14.45 -19.78
N GLY B 139 -18.97 13.96 -20.94
CA GLY B 139 -17.96 14.66 -21.71
C GLY B 139 -16.55 14.14 -21.43
N ALA B 140 -16.39 13.43 -20.33
CA ALA B 140 -15.08 12.88 -19.97
C ALA B 140 -14.97 11.45 -20.47
N THR B 141 -13.81 10.83 -20.25
CA THR B 141 -13.61 9.46 -20.68
C THR B 141 -12.70 8.72 -19.69
N SER B 142 -12.55 7.41 -19.89
CA SER B 142 -11.72 6.60 -19.01
C SER B 142 -10.96 5.56 -19.82
N MET B 143 -10.00 4.90 -19.20
CA MET B 143 -9.23 3.88 -19.89
C MET B 143 -10.18 2.74 -20.30
N LYS B 144 -11.13 2.42 -19.42
CA LYS B 144 -12.10 1.35 -19.69
C LYS B 144 -12.96 1.69 -20.91
N LEU B 145 -13.41 2.94 -20.99
CA LEU B 145 -14.25 3.38 -22.10
C LEU B 145 -13.47 3.38 -23.41
N GLU B 146 -12.18 3.71 -23.34
CA GLU B 146 -11.35 3.74 -24.54
C GLU B 146 -10.95 2.35 -25.02
N LEU B 147 -10.73 1.44 -24.08
CA LEU B 147 -10.31 0.09 -24.43
C LEU B 147 -11.44 -0.92 -24.56
N GLY B 148 -12.58 -0.61 -23.95
CA GLY B 148 -13.72 -1.51 -24.03
C GLY B 148 -13.73 -2.65 -23.04
N SER B 149 -12.81 -2.60 -22.08
CA SER B 149 -12.72 -3.65 -21.07
C SER B 149 -12.11 -3.11 -19.78
N GLU B 150 -12.34 -3.82 -18.68
CA GLU B 150 -11.82 -3.44 -17.37
C GLU B 150 -10.29 -3.52 -17.36
N VAL B 151 -9.64 -2.47 -16.87
CA VAL B 151 -8.19 -2.40 -16.82
C VAL B 151 -7.68 -2.64 -15.40
N PRO B 152 -6.65 -3.49 -15.22
CA PRO B 152 -6.11 -3.76 -13.89
C PRO B 152 -5.55 -2.48 -13.28
N LEU B 153 -6.28 -1.94 -12.30
CA LEU B 153 -5.88 -0.69 -11.66
C LEU B 153 -4.45 -0.70 -11.12
N LEU B 154 -4.03 -1.80 -10.50
CA LEU B 154 -2.68 -1.87 -9.96
C LEU B 154 -1.64 -1.82 -11.08
N SER B 155 -1.98 -2.38 -12.23
CA SER B 155 -1.06 -2.39 -13.36
C SER B 155 -0.83 -0.95 -13.83
N VAL B 156 -1.87 -0.15 -13.77
CA VAL B 156 -1.77 1.25 -14.19
C VAL B 156 -0.92 2.01 -13.19
N PHE B 157 -1.12 1.70 -11.91
CA PHE B 157 -0.37 2.33 -10.83
C PHE B 157 1.12 2.04 -11.01
N ARG B 158 1.47 0.76 -11.18
CA ARG B 158 2.88 0.38 -11.35
C ARG B 158 3.51 1.10 -12.54
N SER B 159 2.79 1.14 -13.65
CA SER B 159 3.28 1.81 -14.86
C SER B 159 3.54 3.29 -14.63
N LEU B 160 2.56 3.98 -14.04
CA LEU B 160 2.68 5.40 -13.79
C LEU B 160 3.82 5.76 -12.84
N ILE B 161 3.92 5.02 -11.74
CA ILE B 161 4.96 5.29 -10.76
C ILE B 161 6.34 5.10 -11.39
N THR B 162 6.47 4.07 -12.21
CA THR B 162 7.74 3.81 -12.89
C THR B 162 8.09 4.98 -13.80
N ASN B 163 7.13 5.44 -14.60
CA ASN B 163 7.39 6.56 -15.50
C ASN B 163 7.71 7.85 -14.74
N LEU B 164 6.96 8.13 -13.69
CA LEU B 164 7.19 9.33 -12.90
C LEU B 164 8.56 9.32 -12.21
N ASP B 165 8.96 8.16 -11.70
CA ASP B 165 10.26 8.08 -11.04
C ASP B 165 11.37 8.43 -12.04
N ARG B 166 11.27 7.89 -13.26
CA ARG B 166 12.28 8.16 -14.28
C ARG B 166 12.29 9.63 -14.68
N LEU B 167 11.11 10.20 -14.90
CA LEU B 167 10.98 11.60 -15.29
C LEU B 167 11.53 12.53 -14.21
N TYR B 168 11.20 12.23 -12.96
CA TYR B 168 11.64 13.04 -11.84
C TYR B 168 13.16 13.00 -11.65
N LEU B 169 13.74 11.80 -11.67
CA LEU B 169 15.18 11.68 -11.51
C LEU B 169 15.91 12.48 -12.60
N ASN B 170 15.40 12.45 -13.81
CA ASN B 170 16.04 13.21 -14.88
C ASN B 170 15.81 14.71 -14.72
N PHE B 171 14.63 15.07 -14.23
CA PHE B 171 14.28 16.46 -14.01
C PHE B 171 15.24 17.12 -13.03
N LEU B 172 15.64 16.36 -12.01
CA LEU B 172 16.56 16.88 -11.01
C LEU B 172 17.92 17.22 -11.61
N LYS B 173 18.28 16.54 -12.69
CA LYS B 173 19.57 16.78 -13.35
C LYS B 173 19.48 17.70 -14.56
N ASN B 174 18.44 17.51 -15.36
CA ASN B 174 18.22 18.28 -16.58
C ASN B 174 16.78 18.79 -16.61
N PRO B 175 16.48 19.80 -15.79
CA PRO B 175 15.13 20.39 -15.71
C PRO B 175 14.49 20.95 -16.97
N MET B 176 15.26 21.17 -18.02
CA MET B 176 14.69 21.71 -19.25
C MET B 176 14.14 20.62 -20.17
N ASP B 177 14.60 19.39 -19.98
CA ASP B 177 14.16 18.26 -20.82
C ASP B 177 12.64 18.09 -20.90
N ILE B 178 11.96 18.24 -19.77
CA ILE B 178 10.51 18.06 -19.76
C ILE B 178 9.76 18.95 -20.74
N LEU B 179 10.27 20.15 -20.98
CA LEU B 179 9.59 21.09 -21.89
C LEU B 179 9.36 20.52 -23.29
N ASN B 180 10.38 19.94 -23.91
CA ASN B 180 10.18 19.39 -25.24
C ASN B 180 9.27 18.19 -25.23
N LEU B 181 9.31 17.41 -24.15
CA LEU B 181 8.43 16.25 -24.05
C LEU B 181 6.99 16.74 -24.01
N VAL B 182 6.77 17.87 -23.35
CA VAL B 182 5.44 18.44 -23.26
C VAL B 182 4.99 18.95 -24.63
N ARG B 183 5.86 19.70 -25.31
CA ARG B 183 5.54 20.24 -26.62
C ARG B 183 5.14 19.17 -27.62
N ASP B 184 5.83 18.04 -27.59
CA ASP B 184 5.53 16.95 -28.52
C ASP B 184 4.25 16.20 -28.20
N ASN B 185 3.71 16.43 -27.00
CA ASN B 185 2.49 15.75 -26.58
C ASN B 185 1.37 16.71 -26.18
N MET B 186 1.51 17.97 -26.56
CA MET B 186 0.52 18.98 -26.21
C MET B 186 -0.29 19.44 -27.42
N ILE B 187 -1.53 19.86 -27.15
CA ILE B 187 -2.41 20.33 -28.21
C ILE B 187 -2.04 21.77 -28.57
N LEU B 188 -1.47 21.94 -29.75
CA LEU B 188 -1.05 23.25 -30.22
C LEU B 188 -1.52 23.53 -31.64
N GLY B 189 -1.29 24.76 -32.10
CA GLY B 189 -1.69 25.14 -33.43
C GLY B 189 -3.20 25.27 -33.61
N VAL B 190 -3.92 25.42 -32.49
CA VAL B 190 -5.36 25.55 -32.54
C VAL B 190 -5.82 26.80 -31.79
N ARG B 191 -7.02 27.27 -32.11
CA ARG B 191 -7.56 28.45 -31.45
C ARG B 191 -8.10 28.08 -30.07
N VAL B 192 -7.80 28.91 -29.08
CA VAL B 192 -8.25 28.67 -27.73
C VAL B 192 -8.75 29.96 -27.08
N LYS B 193 -9.47 29.79 -25.98
CA LYS B 193 -10.02 30.93 -25.25
C LYS B 193 -9.49 30.87 -23.83
N ILE B 194 -8.71 31.87 -23.44
CA ILE B 194 -8.18 31.95 -22.08
C ILE B 194 -9.32 32.54 -21.26
N LEU B 195 -9.91 31.67 -20.43
CA LEU B 195 -11.06 32.05 -19.60
C LEU B 195 -10.71 32.99 -18.45
N GLY B 196 -11.75 33.53 -17.82
CA GLY B 196 -11.57 34.45 -16.70
C GLY B 196 -11.61 35.90 -17.15
N ASP B 197 -11.35 36.82 -16.21
CA ASP B 197 -11.36 38.24 -16.53
C ASP B 197 -10.37 38.50 -17.66
N GLY B 198 -10.63 39.55 -18.43
CA GLY B 198 -9.75 39.88 -19.54
C GLY B 198 -9.62 38.71 -20.48
N SER B 199 -10.64 37.86 -20.49
CA SER B 199 -10.66 36.69 -21.36
C SER B 199 -10.31 37.12 -22.78
N PHE B 200 -9.58 36.26 -23.49
CA PHE B 200 -9.21 36.56 -24.86
C PHE B 200 -9.01 35.26 -25.61
N GLU B 201 -9.00 35.35 -26.94
CA GLU B 201 -8.82 34.17 -27.76
C GLU B 201 -7.63 34.36 -28.67
N GLY B 202 -7.11 33.25 -29.19
CA GLY B 202 -5.98 33.30 -30.07
C GLY B 202 -5.47 31.90 -30.33
N ILE B 203 -4.41 31.79 -31.11
CA ILE B 203 -3.85 30.49 -31.42
C ILE B 203 -2.81 30.09 -30.38
N ALA B 204 -2.94 28.89 -29.83
CA ALA B 204 -1.98 28.40 -28.85
C ALA B 204 -0.79 27.95 -29.69
N GLU B 205 0.25 28.78 -29.72
CA GLU B 205 1.44 28.50 -30.52
C GLU B 205 2.45 27.51 -29.95
N ASP B 206 2.71 27.61 -28.65
CA ASP B 206 3.71 26.76 -28.04
C ASP B 206 3.83 27.18 -26.58
N ILE B 207 4.75 26.55 -25.85
CA ILE B 207 5.00 26.95 -24.46
C ILE B 207 6.43 27.45 -24.51
N ASP B 208 6.78 28.44 -23.69
CA ASP B 208 8.14 28.93 -23.71
C ASP B 208 9.03 28.22 -22.69
N ASP B 209 10.23 28.75 -22.49
CA ASP B 209 11.21 28.13 -21.58
C ASP B 209 10.78 28.10 -20.10
N PHE B 210 9.73 28.89 -19.78
CA PHE B 210 9.20 28.89 -18.41
C PHE B 210 7.93 28.03 -18.27
N GLY B 211 7.48 27.48 -19.42
CA GLY B 211 6.26 26.67 -19.40
C GLY B 211 5.00 27.53 -19.62
N ARG B 212 5.19 28.82 -19.93
CA ARG B 212 4.05 29.70 -20.18
C ARG B 212 3.45 29.39 -21.55
N LEU B 213 2.13 29.48 -21.66
CA LEU B 213 1.48 29.21 -22.94
C LEU B 213 1.56 30.49 -23.80
N ILE B 214 2.07 30.34 -25.02
CA ILE B 214 2.22 31.47 -25.94
C ILE B 214 0.99 31.54 -26.85
N ILE B 215 0.26 32.64 -26.75
CA ILE B 215 -0.95 32.85 -27.54
C ILE B 215 -0.79 34.00 -28.51
N ARG B 216 -1.19 33.78 -29.76
CA ARG B 216 -1.13 34.82 -30.79
C ARG B 216 -2.56 35.31 -31.05
N LEU B 217 -2.87 36.53 -30.60
CA LEU B 217 -4.18 37.09 -30.87
C LEU B 217 -4.33 37.52 -32.34
N ASP B 218 -5.60 37.59 -32.78
CA ASP B 218 -5.85 37.94 -34.17
C ASP B 218 -5.18 39.25 -34.58
N SER B 219 -5.05 40.16 -33.60
CA SER B 219 -4.40 41.43 -33.88
C SER B 219 -2.91 41.24 -34.20
N GLY B 220 -2.42 40.03 -33.89
CA GLY B 220 -1.00 39.76 -34.08
C GLY B 220 -0.22 39.90 -32.76
N GLU B 221 -0.93 40.40 -31.73
CA GLU B 221 -0.28 40.59 -30.44
C GLU B 221 0.02 39.26 -29.75
N VAL B 222 1.17 39.22 -29.05
CA VAL B 222 1.57 37.98 -28.37
C VAL B 222 1.41 38.06 -26.85
N LYS B 223 0.68 37.13 -26.25
CA LYS B 223 0.50 37.13 -24.81
C LYS B 223 1.06 35.82 -24.26
N LYS B 224 1.60 35.89 -23.04
CA LYS B 224 2.17 34.72 -22.38
C LYS B 224 1.32 34.42 -21.16
N VAL B 225 0.74 33.22 -21.12
CA VAL B 225 -0.11 32.84 -20.00
C VAL B 225 0.66 32.01 -18.97
N ILE B 226 0.66 32.47 -17.72
CA ILE B 226 1.35 31.76 -16.65
C ILE B 226 0.43 30.71 -16.03
N TYR B 227 -0.84 31.05 -15.93
CA TYR B 227 -1.83 30.14 -15.37
C TYR B 227 -3.23 30.55 -15.80
N GLY B 228 -4.18 29.64 -15.64
CA GLY B 228 -5.55 29.92 -16.02
C GLY B 228 -6.18 28.76 -16.75
N ASP B 229 -7.44 28.89 -17.12
CA ASP B 229 -8.14 27.83 -17.81
C ASP B 229 -8.17 28.04 -19.32
N VAL B 230 -7.88 26.98 -20.05
CA VAL B 230 -7.87 27.02 -21.51
C VAL B 230 -8.99 26.15 -22.05
N SER B 231 -9.77 26.71 -22.96
CA SER B 231 -10.87 25.99 -23.61
C SER B 231 -10.63 25.85 -25.11
N LEU B 232 -10.75 24.59 -25.59
CA LEU B 232 -10.55 24.34 -27.01
C LEU B 232 -11.88 24.31 -27.77
P BTX C . 10.20 -16.35 17.73
O1P BTX C . 9.22 -17.38 18.24
O2P BTX C . 10.83 -15.68 18.78
O5' BTX C . 11.08 -17.06 16.82
C5' BTX C . 12.22 -16.51 16.08
C4' BTX C . 12.93 -17.67 15.59
O4' BTX C . 12.51 -18.15 14.33
C3' BTX C . 14.40 -17.37 15.46
O3' BTX C . 15.15 -17.49 16.69
C2' BTX C . 14.84 -18.33 14.35
O2' BTX C . 15.38 -19.52 14.83
C1' BTX C . 13.62 -18.57 13.52
N9 BTX C . 13.49 -17.73 12.23
C8 BTX C . 14.07 -16.51 11.87
N7 BTX C . 13.67 -16.12 10.62
C5 BTX C . 12.84 -17.09 10.18
C6 BTX C . 12.10 -17.23 8.97
N6 BTX C . 12.20 -16.31 8.00
N1 BTX C . 11.29 -18.40 8.81
C2 BTX C . 11.15 -19.39 9.79
N3 BTX C . 11.89 -19.25 11.00
C4 BTX C . 12.70 -18.10 11.18
CBB BTX C . 8.59 -15.54 15.81
OBB BTX C . 9.46 -15.32 17.02
CAB BTX C . 7.91 -14.28 15.28
C9B BTX C . 8.24 -13.70 14.18
C8B BTX C . 7.45 -12.48 13.85
C7B BTX C . 7.94 -11.92 12.53
C2B BTX C . 7.23 -10.68 12.01
S1B BTX C . 7.88 -10.11 10.45
C6B BTX C . 6.70 -8.75 10.54
C5B BTX C . 6.96 -8.23 11.99
N1B BTX C . 8.13 -7.31 12.06
C3B BTX C . 9.05 -7.83 12.93
O3B BTX C . 10.15 -7.31 13.22
N2B BTX C . 8.61 -9.02 13.46
C4B BTX C . 7.29 -9.37 12.94
P BTX D . -9.27 21.29 -12.88
O1P BTX D . -8.49 21.64 -14.14
O2P BTX D . -9.48 22.39 -12.07
O5' BTX D . -10.45 20.61 -13.35
C5' BTX D . -11.56 20.07 -12.57
C4' BTX D . -12.65 19.95 -13.51
O4' BTX D . -12.66 18.73 -14.22
C3' BTX D . -13.98 20.05 -12.81
O3' BTX D . -14.43 21.40 -12.57
C2' BTX D . -14.90 19.23 -13.71
O2' BTX D . -15.60 19.96 -14.65
C1' BTX D . -14.00 18.20 -14.36
N9 BTX D . -13.90 16.82 -13.66
C8 BTX D . -14.20 16.48 -12.34
N7 BTX D . -13.98 15.16 -12.12
C5 BTX D . -13.54 14.65 -13.29
C6 BTX D . -13.15 13.34 -13.65
N6 BTX D . -13.17 12.36 -12.76
N1 BTX D . -12.72 13.13 -15.01
C2 BTX D . -12.67 14.14 -15.99
N3 BTX D . -13.06 15.46 -15.62
C4 BTX D . -13.49 15.69 -14.29
CBB BTX D . -7.89 19.07 -12.49
OBB BTX D . -8.43 20.40 -12.06
CAB BTX D . -7.02 18.36 -11.45
C9B BTX D . -7.38 17.30 -10.84
C8B BTX D . -6.39 16.73 -9.89
C7B BTX D . -6.97 15.48 -9.27
C2B BTX D . -6.11 14.72 -8.26
S1B BTX D . -6.93 13.26 -7.65
C6B BTX D . -5.47 12.97 -6.62
C5B BTX D . -5.28 14.38 -5.97
N1B BTX D . -6.16 14.59 -4.79
C3B BTX D . -6.96 15.67 -5.00
O3B BTX D . -7.83 16.10 -4.21
N2B BTX D . -6.72 16.22 -6.24
C4B BTX D . -5.66 15.50 -6.96
#